data_5GIS
#
_entry.id   5GIS
#
_cell.length_a   57.050
_cell.length_b   65.000
_cell.length_c   67.130
_cell.angle_alpha   90.00
_cell.angle_beta   111.80
_cell.angle_gamma   90.00
#
_symmetry.space_group_name_H-M   'P 1 21 1'
#
loop_
_entity.id
_entity.type
_entity.pdbx_description
1 polymer 'Heavy chain of Fab fragment'
2 polymer 'Light chain of Fab fragment'
3 polymer THR-LYS-PRO-ILE-THR-ILE-GLY-SER-HIS-ALA-HIS-GLY-ASP-GLN-TYR-LYS
4 non-polymer 'SULFATE ION'
5 water water
#
loop_
_entity_poly.entity_id
_entity_poly.type
_entity_poly.pdbx_seq_one_letter_code
_entity_poly.pdbx_strand_id
1 'polypeptide(L)'
;MGWSSIILFLVTTATGVHS(PCA)VQLQQPGAELVRPGASVKLSCKASGYTFTSYWMNWVKQRPGQGLECIGMIHPSDGE
TRLNQKFKDKATLTLDKSSSTAYMQLSSPTSEDSAVYYCTTHFDYWGQGTTLTVSSAKTTAPSVYPLAPVCGDTTGSSVT
LGCLVKGYFPEPVTLTWNSGSLSSGVHTFPAVLQSDLYTLSSSVTVTSSTWPSQSITCNVAHPASSTKVDKKIEPRGSPT
HKPC
;
H
2 'polypeptide(L)'
;MVFTPQILGLMLFWISASRGDIVLIQSPATLSVTPGDSVSLSCRASQRISNNLHWYQQKSHESPRLLIRYTSQSISGIPS
RFSGSGSGTDFTLSINSVETEDFGMYFCQQSNSWPFTFGSGTKLEMKRADAAPTVSIFPPSSEQLTSGGASVVCFLNNFY
PKDINVKWKIDGSERQNGVLNSWTDQDSKDSTYSMSSTLTLTKDEYERHNSYTCEATHKTSTSPIVKSFNRNEC
;
L
3 'polypeptide(L)' TKPITIGSHAHGDQYK C
#
# COMPACT_ATOMS: atom_id res chain seq x y z
N VAL A 21 -11.10 -24.68 8.28
CA VAL A 21 -11.59 -23.36 8.62
C VAL A 21 -11.40 -22.40 7.44
N GLN A 22 -12.45 -21.71 7.05
CA GLN A 22 -12.37 -20.70 6.02
C GLN A 22 -13.16 -19.50 6.45
N LEU A 23 -12.64 -18.33 6.10
CA LEU A 23 -13.35 -17.07 6.28
C LEU A 23 -13.34 -16.39 4.93
N GLN A 24 -14.51 -16.32 4.31
CA GLN A 24 -14.59 -15.92 2.90
C GLN A 24 -15.15 -14.51 2.81
N GLN A 25 -14.36 -13.61 2.26
CA GLN A 25 -14.70 -12.21 2.08
C GLN A 25 -14.61 -11.86 0.62
N PRO A 26 -15.51 -11.00 0.12
CA PRO A 26 -15.30 -10.53 -1.26
C PRO A 26 -13.98 -9.73 -1.39
N GLY A 27 -13.35 -9.78 -2.56
CA GLY A 27 -12.09 -9.06 -2.76
C GLY A 27 -12.20 -7.53 -2.73
N ALA A 28 -13.30 -7.02 -3.26
CA ALA A 28 -13.46 -5.59 -3.41
C ALA A 28 -14.91 -5.21 -3.31
N GLU A 29 -15.19 -4.04 -2.75
CA GLU A 29 -16.50 -3.40 -2.85
C GLU A 29 -16.30 -1.94 -3.16
N LEU A 30 -17.23 -1.40 -3.93
CA LEU A 30 -17.20 -0.02 -4.34
C LEU A 30 -18.45 0.62 -3.76
N VAL A 31 -18.33 1.83 -3.22
CA VAL A 31 -19.45 2.52 -2.58
C VAL A 31 -19.41 4.02 -2.86
N ARG A 32 -20.59 4.61 -3.09
CA ARG A 32 -20.70 6.04 -3.30
C ARG A 32 -20.66 6.74 -1.94
N PRO A 33 -20.04 7.94 -1.87
CA PRO A 33 -20.05 8.58 -0.54
C PRO A 33 -21.47 8.82 -0.06
N GLY A 34 -21.67 8.67 1.25
CA GLY A 34 -22.99 8.84 1.86
C GLY A 34 -23.90 7.64 1.72
N ALA A 35 -23.56 6.67 0.88
CA ALA A 35 -24.39 5.46 0.74
C ALA A 35 -23.87 4.32 1.62
N SER A 36 -24.71 3.71 2.45
CA SER A 36 -24.22 2.66 3.36
C SER A 36 -23.78 1.40 2.60
N VAL A 37 -22.79 0.70 3.15
CA VAL A 37 -22.27 -0.54 2.57
C VAL A 37 -22.15 -1.57 3.66
N LYS A 38 -22.47 -2.82 3.33
CA LYS A 38 -22.37 -3.93 4.27
C LYS A 38 -21.34 -4.93 3.74
N LEU A 39 -20.31 -5.21 4.52
CA LEU A 39 -19.24 -6.14 4.10
C LEU A 39 -19.56 -7.47 4.74
N SER A 40 -19.29 -8.57 4.06
CA SER A 40 -19.62 -9.88 4.61
C SER A 40 -18.38 -10.74 4.83
N CYS A 41 -18.48 -11.62 5.81
CA CYS A 41 -17.43 -12.56 6.12
C CYS A 41 -18.12 -13.89 6.34
N LYS A 42 -18.00 -14.79 5.37
CA LYS A 42 -18.72 -16.09 5.41
C LYS A 42 -17.85 -17.19 6.00
N ALA A 43 -18.24 -17.70 7.16
CA ALA A 43 -17.42 -18.66 7.90
C ALA A 43 -17.82 -20.09 7.55
N SER A 44 -16.85 -21.00 7.51
CA SER A 44 -17.12 -22.43 7.29
C SER A 44 -16.06 -23.31 7.96
N GLY A 45 -16.42 -24.56 8.23
CA GLY A 45 -15.43 -25.55 8.68
C GLY A 45 -15.12 -25.55 10.16
N TYR A 46 -15.93 -24.87 10.96
CA TYR A 46 -15.85 -24.89 12.42
C TYR A 46 -17.21 -24.49 13.00
N THR A 47 -17.34 -24.59 14.32
CA THR A 47 -18.55 -24.18 15.02
C THR A 47 -18.58 -22.66 15.17
N PHE A 48 -19.42 -22.05 14.34
CA PHE A 48 -19.51 -20.59 14.18
C PHE A 48 -19.76 -19.87 15.50
N THR A 49 -20.56 -20.49 16.36
CA THR A 49 -20.94 -19.92 17.65
C THR A 49 -19.88 -20.14 18.76
N SER A 50 -18.79 -20.84 18.46
CA SER A 50 -17.73 -21.10 19.47
C SER A 50 -16.62 -20.03 19.59
N TYR A 51 -16.56 -19.11 18.64
CA TYR A 51 -15.49 -18.11 18.62
C TYR A 51 -15.97 -16.73 18.25
N TRP A 52 -15.33 -15.74 18.84
CA TRP A 52 -15.50 -14.34 18.49
C TRP A 52 -15.15 -14.09 17.02
N MET A 53 -15.88 -13.18 16.39
CA MET A 53 -15.52 -12.67 15.09
C MET A 53 -15.10 -11.21 15.19
N ASN A 54 -13.87 -10.92 14.75
CA ASN A 54 -13.30 -9.58 14.84
C ASN A 54 -13.21 -8.93 13.47
N TRP A 55 -13.34 -7.60 13.42
CA TRP A 55 -13.12 -6.81 12.21
C TRP A 55 -11.97 -5.84 12.45
N VAL A 56 -11.09 -5.76 11.46
CA VAL A 56 -9.87 -4.96 11.51
C VAL A 56 -9.80 -4.10 10.26
N LYS A 57 -9.44 -2.82 10.43
CA LYS A 57 -9.28 -1.90 9.31
C LYS A 57 -7.82 -1.63 9.04
N GLN A 58 -7.44 -1.61 7.77
CA GLN A 58 -6.09 -1.20 7.39
C GLN A 58 -6.06 -0.34 6.13
N ARG A 59 -5.59 0.88 6.29
CA ARG A 59 -5.38 1.72 5.13
C ARG A 59 -4.06 1.24 4.58
N PRO A 60 -4.03 0.92 3.28
CA PRO A 60 -2.79 0.33 2.78
C PRO A 60 -1.52 1.15 3.00
N GLY A 61 -0.49 0.42 3.42
CA GLY A 61 0.81 0.97 3.74
C GLY A 61 0.81 1.53 5.15
N GLN A 62 -0.35 1.47 5.81
CA GLN A 62 -0.55 2.01 7.17
C GLN A 62 -0.81 0.88 8.17
N GLY A 63 -1.08 1.21 9.43
CA GLY A 63 -1.23 0.20 10.46
C GLY A 63 -2.61 -0.45 10.54
N LEU A 64 -2.82 -1.21 11.61
CA LEU A 64 -4.04 -1.99 11.84
C LEU A 64 -4.85 -1.39 13.00
N GLU A 65 -6.18 -1.38 12.85
CA GLU A 65 -7.09 -0.85 13.85
C GLU A 65 -8.20 -1.86 14.10
N CYS A 66 -8.44 -2.17 15.37
CA CYS A 66 -9.58 -3.01 15.75
C CYS A 66 -10.88 -2.23 15.63
N ILE A 67 -11.81 -2.73 14.82
CA ILE A 67 -13.12 -2.09 14.69
C ILE A 67 -14.04 -2.56 15.81
N GLY A 68 -14.06 -3.87 16.05
CA GLY A 68 -14.93 -4.46 17.04
C GLY A 68 -15.03 -5.94 16.86
N MET A 69 -15.78 -6.57 17.76
CA MET A 69 -15.97 -8.02 17.73
C MET A 69 -17.39 -8.36 18.18
N ILE A 70 -17.90 -9.46 17.64
CA ILE A 70 -19.24 -9.97 17.95
C ILE A 70 -19.12 -11.47 18.19
N HIS A 71 -19.78 -11.98 19.23
CA HIS A 71 -19.77 -13.41 19.48
C HIS A 71 -21.06 -13.99 18.92
N PRO A 72 -20.97 -14.96 17.98
CA PRO A 72 -22.22 -15.41 17.37
C PRO A 72 -23.15 -16.24 18.30
N SER A 73 -22.67 -16.63 19.48
CA SER A 73 -23.51 -17.34 20.48
C SER A 73 -24.80 -16.54 20.74
N ASP A 74 -24.63 -15.28 21.12
CA ASP A 74 -25.75 -14.48 21.60
C ASP A 74 -25.72 -13.08 21.01
N GLY A 75 -24.74 -12.84 20.13
CA GLY A 75 -24.59 -11.57 19.46
C GLY A 75 -23.96 -10.49 20.30
N GLU A 76 -23.34 -10.86 21.43
CA GLU A 76 -22.64 -9.87 22.27
C GLU A 76 -21.59 -9.17 21.43
N THR A 77 -21.55 -7.84 21.54
CA THR A 77 -20.75 -7.02 20.65
C THR A 77 -19.89 -6.08 21.44
N ARG A 78 -18.64 -6.00 21.03
CA ARG A 78 -17.76 -5.01 21.56
C ARG A 78 -17.25 -4.08 20.44
N LEU A 79 -17.53 -2.79 20.53
CA LEU A 79 -17.08 -1.88 19.49
C LEU A 79 -15.93 -1.06 20.00
N ASN A 80 -15.01 -0.71 19.12
CA ASN A 80 -14.04 0.33 19.41
C ASN A 80 -14.82 1.66 19.34
N GLN A 81 -14.76 2.45 20.42
CA GLN A 81 -15.44 3.78 20.53
C GLN A 81 -15.17 4.66 19.33
N LYS A 82 -13.98 4.53 18.76
CA LYS A 82 -13.63 5.28 17.55
C LYS A 82 -14.64 5.06 16.42
N PHE A 83 -15.30 3.90 16.40
CA PHE A 83 -16.16 3.54 15.27
C PHE A 83 -17.62 3.53 15.69
N LYS A 84 -17.92 4.09 16.86
CA LYS A 84 -19.24 3.90 17.45
C LYS A 84 -20.32 4.46 16.55
N ASP A 85 -20.01 5.52 15.79
CA ASP A 85 -20.97 6.10 14.86
C ASP A 85 -20.74 5.73 13.41
N LYS A 86 -19.89 4.75 13.15
CA LYS A 86 -19.51 4.41 11.80
C LYS A 86 -19.84 2.97 11.47
N ALA A 87 -19.51 2.06 12.38
CA ALA A 87 -19.57 0.63 12.09
C ALA A 87 -20.67 -0.07 12.86
N THR A 88 -21.37 -0.99 12.21
CA THR A 88 -22.37 -1.80 12.88
C THR A 88 -22.11 -3.28 12.60
N LEU A 89 -22.02 -4.09 13.65
CA LEU A 89 -21.78 -5.52 13.46
C LEU A 89 -23.07 -6.29 13.60
N THR A 90 -23.31 -7.17 12.63
CA THR A 90 -24.50 -8.03 12.65
C THR A 90 -24.13 -9.44 12.20
N LEU A 91 -25.11 -10.33 12.21
CA LEU A 91 -24.93 -11.70 11.74
C LEU A 91 -26.14 -12.20 10.98
N ASP A 92 -25.89 -13.21 10.15
CA ASP A 92 -26.91 -14.09 9.62
C ASP A 92 -26.42 -15.49 9.99
N LYS A 93 -26.80 -15.95 11.18
CA LYS A 93 -26.27 -17.21 11.71
C LYS A 93 -26.66 -18.42 10.86
N SER A 94 -27.86 -18.38 10.28
CA SER A 94 -28.33 -19.51 9.45
C SER A 94 -27.39 -19.74 8.27
N SER A 95 -26.69 -18.70 7.82
CA SER A 95 -25.66 -18.89 6.81
C SER A 95 -24.24 -18.65 7.31
N SER A 96 -24.04 -18.74 8.63
CA SER A 96 -22.70 -18.52 9.26
C SER A 96 -21.96 -17.31 8.68
N THR A 97 -22.64 -16.16 8.61
CA THR A 97 -22.03 -14.98 8.00
C THR A 97 -22.05 -13.87 9.01
N ALA A 98 -20.93 -13.16 9.12
CA ALA A 98 -20.83 -11.94 9.91
C ALA A 98 -20.79 -10.75 8.97
N TYR A 99 -21.42 -9.66 9.37
CA TYR A 99 -21.48 -8.47 8.53
C TYR A 99 -20.95 -7.26 9.26
N MET A 100 -20.32 -6.36 8.52
CA MET A 100 -19.97 -5.11 9.11
C MET A 100 -20.45 -4.03 8.19
N GLN A 101 -21.34 -3.19 8.71
CA GLN A 101 -21.94 -2.13 7.90
C GLN A 101 -21.33 -0.78 8.22
N LEU A 102 -20.92 -0.05 7.19
CA LEU A 102 -20.37 1.30 7.35
C LEU A 102 -21.42 2.33 6.95
N SER A 103 -21.68 3.26 7.85
CA SER A 103 -22.69 4.29 7.65
C SER A 103 -22.00 5.49 7.04
N SER A 104 -22.74 6.19 6.20
CA SER A 104 -22.27 7.41 5.58
C SER A 104 -20.76 7.43 5.18
N PRO A 105 -20.35 6.53 4.25
CA PRO A 105 -18.91 6.44 3.97
C PRO A 105 -18.31 7.70 3.38
N THR A 106 -17.07 7.99 3.76
CA THR A 106 -16.31 9.08 3.17
C THR A 106 -14.98 8.49 2.70
N SER A 107 -14.17 9.29 2.03
CA SER A 107 -12.86 8.85 1.56
C SER A 107 -11.91 8.31 2.67
N GLU A 108 -12.14 8.71 3.91
CA GLU A 108 -11.38 8.14 5.04
C GLU A 108 -11.74 6.68 5.33
N ASP A 109 -12.88 6.23 4.82
CA ASP A 109 -13.29 4.84 4.98
C ASP A 109 -12.72 3.86 3.93
N SER A 110 -12.09 4.38 2.87
CA SER A 110 -11.46 3.53 1.86
C SER A 110 -10.27 2.82 2.51
N ALA A 111 -10.30 1.50 2.55
CA ALA A 111 -9.33 0.71 3.31
C ALA A 111 -9.54 -0.77 3.01
N VAL A 112 -8.65 -1.60 3.51
CA VAL A 112 -8.89 -3.01 3.47
C VAL A 112 -9.52 -3.36 4.81
N TYR A 113 -10.55 -4.20 4.77
CA TYR A 113 -11.20 -4.67 6.00
C TYR A 113 -11.09 -6.16 6.11
N TYR A 114 -10.52 -6.64 7.21
CA TYR A 114 -10.38 -8.08 7.45
C TYR A 114 -11.37 -8.57 8.49
N CYS A 115 -11.83 -9.80 8.35
CA CYS A 115 -12.45 -10.46 9.47
C CYS A 115 -11.46 -11.51 9.87
N THR A 116 -11.42 -11.79 11.16
CA THR A 116 -10.57 -12.83 11.73
C THR A 116 -11.29 -13.30 12.97
N THR A 117 -11.12 -14.55 13.38
CA THR A 117 -11.81 -15.01 14.59
C THR A 117 -10.99 -14.62 15.79
N HIS A 118 -10.01 -15.44 16.16
CA HIS A 118 -9.20 -15.06 17.31
C HIS A 118 -7.83 -14.53 16.89
N PHE A 119 -7.79 -13.83 15.75
CA PHE A 119 -6.56 -13.20 15.25
C PHE A 119 -5.54 -14.24 14.76
N ASP A 120 -5.99 -15.50 14.64
CA ASP A 120 -5.21 -16.61 14.09
C ASP A 120 -5.69 -16.94 12.68
N TYR A 121 -6.99 -17.16 12.51
CA TYR A 121 -7.57 -17.35 11.18
C TYR A 121 -8.07 -16.01 10.63
N TRP A 122 -7.62 -15.64 9.44
CA TRP A 122 -7.97 -14.34 8.87
C TRP A 122 -8.59 -14.51 7.50
N GLY A 123 -9.59 -13.69 7.18
CA GLY A 123 -10.09 -13.56 5.82
C GLY A 123 -9.01 -12.93 4.94
N GLN A 124 -9.21 -12.95 3.63
CA GLN A 124 -8.24 -12.33 2.71
C GLN A 124 -8.39 -10.81 2.72
N GLY A 125 -9.46 -10.30 3.31
CA GLY A 125 -9.69 -8.87 3.35
C GLY A 125 -10.45 -8.37 2.15
N THR A 126 -11.34 -7.41 2.41
CA THR A 126 -12.10 -6.73 1.35
C THR A 126 -11.54 -5.32 1.20
N THR A 127 -11.10 -4.97 -0.02
CA THR A 127 -10.70 -3.59 -0.36
C THR A 127 -11.96 -2.77 -0.68
N LEU A 128 -12.29 -1.86 0.23
CA LEU A 128 -13.44 -1.01 0.05
C LEU A 128 -13.00 0.28 -0.54
N THR A 129 -13.55 0.67 -1.69
CA THR A 129 -13.25 1.99 -2.24
C THR A 129 -14.48 2.90 -2.29
N VAL A 130 -14.35 4.09 -1.69
CA VAL A 130 -15.42 5.08 -1.71
C VAL A 130 -15.11 6.07 -2.84
N SER A 131 -16.02 6.19 -3.79
CA SER A 131 -15.89 7.16 -4.89
C SER A 131 -17.27 7.48 -5.48
N SER A 132 -17.46 8.69 -5.97
CA SER A 132 -18.70 9.02 -6.68
C SER A 132 -18.62 8.62 -8.15
N ALA A 133 -17.49 8.08 -8.59
CA ALA A 133 -17.32 7.83 -10.02
C ALA A 133 -18.13 6.64 -10.54
N LYS A 134 -18.55 6.73 -11.81
CA LYS A 134 -19.01 5.60 -12.60
C LYS A 134 -17.77 4.89 -13.12
N THR A 135 -17.96 3.71 -13.68
CA THR A 135 -16.92 3.04 -14.47
C THR A 135 -16.42 4.03 -15.53
N THR A 136 -15.09 4.21 -15.60
CA THR A 136 -14.48 5.26 -16.42
C THR A 136 -13.16 4.72 -16.98
N ALA A 137 -13.08 4.62 -18.30
CA ALA A 137 -11.88 4.17 -18.99
C ALA A 137 -10.75 5.19 -18.78
N PRO A 138 -9.48 4.72 -18.69
CA PRO A 138 -8.42 5.70 -18.49
C PRO A 138 -8.09 6.53 -19.72
N SER A 139 -7.57 7.73 -19.48
CA SER A 139 -6.83 8.46 -20.48
C SER A 139 -5.37 8.00 -20.40
N VAL A 140 -4.83 7.58 -21.54
CA VAL A 140 -3.50 6.99 -21.59
C VAL A 140 -2.59 7.91 -22.38
N TYR A 141 -1.53 8.38 -21.73
CA TYR A 141 -0.64 9.37 -22.35
C TYR A 141 0.77 8.83 -22.47
N PRO A 142 1.36 8.92 -23.68
CA PRO A 142 2.73 8.50 -23.87
C PRO A 142 3.67 9.58 -23.33
N LEU A 143 4.75 9.16 -22.67
CA LEU A 143 5.69 10.14 -22.14
C LEU A 143 7.06 9.96 -22.79
N ALA A 144 7.37 10.88 -23.70
CA ALA A 144 8.69 10.92 -24.35
C ALA A 144 9.59 11.90 -23.60
N PRO A 145 10.92 11.70 -23.69
CA PRO A 145 11.86 12.62 -23.04
C PRO A 145 11.68 14.08 -23.50
N VAL A 146 12.14 15.00 -22.65
CA VAL A 146 12.18 16.43 -22.97
C VAL A 146 12.73 16.65 -24.37
N CYS A 147 12.05 17.51 -25.12
CA CYS A 147 12.46 17.86 -26.46
C CYS A 147 13.91 18.35 -26.48
N GLY A 148 14.71 17.80 -27.40
CA GLY A 148 16.10 18.23 -27.59
C GLY A 148 17.04 17.87 -26.46
N ASP A 149 16.63 16.94 -25.60
CA ASP A 149 17.41 16.55 -24.45
C ASP A 149 18.51 15.57 -24.85
N SER A 153 23.53 7.05 -22.49
CA SER A 153 23.55 5.66 -22.97
C SER A 153 22.21 4.93 -22.75
N SER A 154 21.37 5.49 -21.89
CA SER A 154 20.06 4.92 -21.58
C SER A 154 18.99 5.95 -21.76
N VAL A 155 17.79 5.49 -22.08
CA VAL A 155 16.67 6.40 -22.25
C VAL A 155 15.50 5.84 -21.41
N THR A 156 14.79 6.71 -20.72
CA THR A 156 13.64 6.30 -19.94
C THR A 156 12.39 6.89 -20.58
N LEU A 157 11.43 6.01 -20.86
CA LEU A 157 10.14 6.42 -21.41
C LEU A 157 9.07 6.16 -20.37
N GLY A 158 7.90 6.74 -20.58
CA GLY A 158 6.85 6.57 -19.63
C GLY A 158 5.49 6.48 -20.27
N CYS A 159 4.53 6.07 -19.43
CA CYS A 159 3.15 5.96 -19.83
C CYS A 159 2.30 6.43 -18.66
N LEU A 160 1.42 7.39 -18.90
CA LEU A 160 0.60 7.93 -17.79
C LEU A 160 -0.85 7.48 -17.97
N VAL A 161 -1.41 6.87 -16.93
CA VAL A 161 -2.72 6.25 -17.00
C VAL A 161 -3.63 6.99 -16.02
N LYS A 162 -4.45 7.90 -16.54
CA LYS A 162 -5.10 8.89 -15.70
C LYS A 162 -6.62 8.85 -15.80
N GLY A 163 -7.25 9.10 -14.66
CA GLY A 163 -8.67 9.39 -14.60
C GLY A 163 -9.57 8.19 -14.74
N TYR A 164 -9.16 7.02 -14.24
CA TYR A 164 -9.97 5.82 -14.39
C TYR A 164 -10.66 5.32 -13.11
N PHE A 165 -11.67 4.46 -13.31
CA PHE A 165 -12.37 3.82 -12.21
C PHE A 165 -13.14 2.60 -12.71
N PRO A 166 -13.12 1.49 -11.97
CA PRO A 166 -12.34 1.22 -10.74
C PRO A 166 -11.01 0.53 -11.11
N GLU A 167 -10.26 0.09 -10.10
CA GLU A 167 -9.15 -0.83 -10.31
C GLU A 167 -9.62 -2.18 -10.77
N PRO A 168 -8.79 -2.94 -11.49
CA PRO A 168 -7.43 -2.57 -11.84
C PRO A 168 -7.28 -2.23 -13.33
N VAL A 169 -6.08 -1.84 -13.73
CA VAL A 169 -5.71 -1.90 -15.14
C VAL A 169 -4.53 -2.85 -15.31
N THR A 170 -4.31 -3.33 -16.53
CA THR A 170 -3.12 -4.10 -16.84
C THR A 170 -2.33 -3.32 -17.87
N LEU A 171 -1.11 -2.94 -17.52
CA LEU A 171 -0.28 -2.18 -18.42
C LEU A 171 0.84 -3.06 -18.90
N THR A 172 1.13 -3.04 -20.19
CA THR A 172 2.27 -3.76 -20.72
C THR A 172 3.00 -2.84 -21.70
N TRP A 173 4.21 -3.25 -22.07
CA TRP A 173 5.02 -2.57 -23.05
C TRP A 173 5.28 -3.52 -24.22
N ASN A 174 5.07 -3.03 -25.45
CA ASN A 174 5.19 -3.87 -26.65
C ASN A 174 4.45 -5.21 -26.50
N SER A 175 3.22 -5.11 -26.00
CA SER A 175 2.35 -6.26 -25.79
C SER A 175 2.94 -7.31 -24.88
N GLY A 176 3.82 -6.89 -23.99
CA GLY A 176 4.38 -7.82 -23.02
C GLY A 176 5.76 -8.30 -23.39
N SER A 177 6.18 -8.05 -24.63
CA SER A 177 7.48 -8.58 -25.03
C SER A 177 8.62 -7.70 -24.48
N LEU A 178 8.29 -6.46 -24.11
CA LEU A 178 9.25 -5.64 -23.42
C LEU A 178 8.91 -5.69 -21.93
N SER A 179 9.64 -6.50 -21.18
CA SER A 179 9.27 -6.66 -19.78
C SER A 179 10.38 -6.30 -18.80
N SER A 180 11.61 -6.17 -19.27
CA SER A 180 12.68 -5.83 -18.35
C SER A 180 12.90 -4.32 -18.34
N GLY A 181 13.44 -3.84 -17.24
CA GLY A 181 13.69 -2.42 -17.05
C GLY A 181 12.44 -1.59 -16.88
N VAL A 182 11.36 -2.22 -16.40
CA VAL A 182 10.03 -1.59 -16.28
C VAL A 182 9.72 -1.33 -14.81
N HIS A 183 9.21 -0.13 -14.48
CA HIS A 183 8.55 0.04 -13.16
C HIS A 183 7.14 0.47 -13.40
N THR A 184 6.16 -0.33 -12.96
CA THR A 184 4.76 0.05 -13.01
C THR A 184 4.31 0.35 -11.59
N PHE A 185 3.93 1.60 -11.34
CA PHE A 185 3.65 2.05 -9.99
C PHE A 185 2.21 1.74 -9.51
N PRO A 186 2.02 1.52 -8.18
CA PRO A 186 0.67 1.25 -7.68
C PRO A 186 -0.25 2.44 -7.95
N ALA A 187 -1.51 2.18 -8.22
CA ALA A 187 -2.44 3.26 -8.53
C ALA A 187 -2.73 4.07 -7.27
N VAL A 188 -3.07 5.34 -7.44
CA VAL A 188 -3.40 6.22 -6.30
C VAL A 188 -4.74 6.83 -6.65
N LEU A 189 -5.70 6.71 -5.74
CA LEU A 189 -7.00 7.33 -5.92
C LEU A 189 -6.97 8.77 -5.45
N GLN A 190 -7.48 9.66 -6.27
CA GLN A 190 -7.58 11.08 -5.92
C GLN A 190 -8.80 11.73 -6.54
N SER A 191 -9.59 12.44 -5.71
CA SER A 191 -10.88 12.99 -6.14
C SER A 191 -11.65 12.03 -7.09
N ASP A 192 -11.91 10.84 -6.57
CA ASP A 192 -12.78 9.80 -7.15
C ASP A 192 -12.20 8.96 -8.29
N LEU A 193 -11.04 9.34 -8.81
CA LEU A 193 -10.43 8.61 -9.93
C LEU A 193 -9.00 8.14 -9.65
N TYR A 194 -8.58 7.08 -10.31
CA TYR A 194 -7.22 6.58 -10.13
C TYR A 194 -6.26 7.13 -11.18
N THR A 195 -5.00 7.32 -10.76
CA THR A 195 -3.88 7.58 -11.63
C THR A 195 -2.84 6.48 -11.38
N LEU A 196 -2.24 5.99 -12.46
CA LEU A 196 -1.08 5.07 -12.37
C LEU A 196 -0.06 5.53 -13.42
N SER A 197 1.20 5.14 -13.23
CA SER A 197 2.20 5.36 -14.26
C SER A 197 3.17 4.18 -14.39
N SER A 198 3.86 4.12 -15.51
CA SER A 198 4.85 3.08 -15.70
C SER A 198 6.04 3.70 -16.38
N SER A 199 7.26 3.34 -15.96
CA SER A 199 8.45 3.73 -16.68
C SER A 199 9.06 2.51 -17.35
N VAL A 200 9.72 2.73 -18.48
CA VAL A 200 10.59 1.71 -19.09
C VAL A 200 11.95 2.34 -19.47
N THR A 201 13.04 1.62 -19.20
CA THR A 201 14.40 2.12 -19.47
C THR A 201 15.06 1.16 -20.47
N VAL A 202 15.53 1.70 -21.59
CA VAL A 202 16.21 0.89 -22.64
C VAL A 202 17.52 1.58 -23.04
N THR A 203 18.39 0.91 -23.78
CA THR A 203 19.61 1.57 -24.25
C THR A 203 19.23 2.60 -25.30
N SER A 204 20.10 3.58 -25.50
CA SER A 204 19.78 4.63 -26.44
C SER A 204 19.87 4.13 -27.89
N SER A 205 20.49 2.97 -28.11
CA SER A 205 20.42 2.42 -29.46
C SER A 205 19.13 1.63 -29.73
N THR A 206 18.33 1.40 -28.70
CA THR A 206 17.03 0.75 -28.88
C THR A 206 15.94 1.73 -29.29
N TRP A 207 15.90 2.91 -28.67
CA TRP A 207 14.80 3.83 -28.93
C TRP A 207 15.36 5.19 -29.25
N PRO A 208 14.79 5.93 -30.20
CA PRO A 208 13.58 5.64 -30.97
C PRO A 208 13.73 4.84 -32.27
N SER A 209 14.91 4.26 -32.53
CA SER A 209 15.09 3.52 -33.79
C SER A 209 14.15 2.32 -33.86
N GLN A 210 13.87 1.69 -32.72
CA GLN A 210 12.84 0.65 -32.65
C GLN A 210 11.64 1.17 -31.87
N SER A 211 10.44 0.69 -32.21
CA SER A 211 9.22 1.26 -31.64
C SER A 211 8.92 0.66 -30.27
N ILE A 212 8.36 1.51 -29.41
CA ILE A 212 7.99 1.15 -28.05
C ILE A 212 6.62 1.74 -27.81
N THR A 213 5.69 0.90 -27.38
CA THR A 213 4.29 1.26 -27.21
C THR A 213 3.81 0.74 -25.87
N CYS A 214 3.05 1.57 -25.17
CA CYS A 214 2.43 1.25 -23.91
C CYS A 214 1.05 0.69 -24.26
N ASN A 215 0.66 -0.48 -23.73
CA ASN A 215 -0.69 -1.02 -23.89
C ASN A 215 -1.42 -1.08 -22.53
N VAL A 216 -2.67 -0.65 -22.52
CA VAL A 216 -3.41 -0.51 -21.27
C VAL A 216 -4.82 -1.08 -21.46
N ALA A 217 -5.10 -2.14 -20.69
CA ALA A 217 -6.42 -2.78 -20.62
C ALA A 217 -7.07 -2.42 -19.31
N HIS A 218 -8.37 -2.11 -19.40
CA HIS A 218 -9.21 -1.78 -18.28
C HIS A 218 -10.46 -2.65 -18.39
N PRO A 219 -10.44 -3.84 -17.75
CA PRO A 219 -11.55 -4.81 -17.84
C PRO A 219 -12.91 -4.20 -17.55
N ALA A 220 -13.06 -3.42 -16.47
CA ALA A 220 -14.40 -2.86 -16.13
C ALA A 220 -15.06 -2.04 -17.25
N SER A 221 -14.26 -1.29 -18.03
CA SER A 221 -14.80 -0.59 -19.22
C SER A 221 -14.67 -1.36 -20.52
N SER A 222 -14.14 -2.58 -20.46
CA SER A 222 -13.83 -3.36 -21.65
C SER A 222 -13.02 -2.60 -22.71
N THR A 223 -11.97 -1.88 -22.29
CA THR A 223 -11.14 -1.11 -23.23
C THR A 223 -9.69 -1.58 -23.21
N LYS A 224 -9.07 -1.53 -24.37
CA LYS A 224 -7.65 -1.83 -24.53
C LYS A 224 -7.12 -0.77 -25.47
N VAL A 225 -6.15 0.00 -25.00
CA VAL A 225 -5.66 1.16 -25.74
C VAL A 225 -4.15 1.02 -25.92
N ASP A 226 -3.65 1.35 -27.11
CA ASP A 226 -2.21 1.40 -27.38
C ASP A 226 -1.76 2.84 -27.64
N LYS A 227 -0.60 3.19 -27.11
CA LYS A 227 -0.05 4.53 -27.31
C LYS A 227 1.43 4.41 -27.62
N LYS A 228 1.81 4.68 -28.86
CA LYS A 228 3.21 4.60 -29.27
C LYS A 228 3.95 5.80 -28.69
N ILE A 229 5.15 5.56 -28.17
CA ILE A 229 5.97 6.62 -27.62
C ILE A 229 6.75 7.23 -28.80
N GLU A 230 6.50 8.50 -29.10
CA GLU A 230 7.12 9.17 -30.23
C GLU A 230 8.03 10.28 -29.75
N PRO A 231 9.21 10.49 -30.40
CA PRO A 231 10.05 11.63 -30.00
C PRO A 231 9.25 12.91 -30.15
N ARG A 232 9.45 13.85 -29.22
CA ARG A 232 8.79 15.14 -29.28
C ARG A 232 9.40 16.00 -30.40
N GLY A 233 8.57 16.77 -31.10
CA GLY A 233 9.01 17.54 -32.25
C GLY A 233 9.50 18.92 -31.87
N ASP B 21 -7.10 4.48 25.60
CA ASP B 21 -6.56 3.31 24.85
C ASP B 21 -5.11 3.09 25.22
N ILE B 22 -4.66 1.85 25.17
CA ILE B 22 -3.26 1.55 25.44
C ILE B 22 -2.45 1.85 24.19
N VAL B 23 -1.32 2.54 24.37
CA VAL B 23 -0.51 2.89 23.21
C VAL B 23 0.69 1.95 23.13
N LEU B 24 0.96 1.43 21.93
CA LEU B 24 2.12 0.58 21.74
C LEU B 24 3.09 1.33 20.85
N ILE B 25 4.34 1.40 21.28
CA ILE B 25 5.38 2.10 20.53
C ILE B 25 6.37 1.09 19.99
N GLN B 26 6.50 0.98 18.67
CA GLN B 26 7.47 0.04 18.09
C GLN B 26 8.67 0.79 17.60
N SER B 27 9.83 0.11 17.63
CA SER B 27 11.05 0.67 17.10
C SER B 27 12.00 -0.51 16.80
N PRO B 28 12.90 -0.34 15.83
CA PRO B 28 12.94 0.85 14.96
C PRO B 28 11.82 0.81 13.91
N ALA B 29 11.61 1.91 13.18
CA ALA B 29 10.64 1.90 12.05
C ALA B 29 11.05 0.90 10.96
N THR B 30 12.34 0.88 10.62
CA THR B 30 12.88 0.03 9.57
C THR B 30 14.14 -0.61 10.03
N LEU B 31 14.29 -1.89 9.73
CA LEU B 31 15.51 -2.63 9.99
C LEU B 31 16.03 -3.19 8.66
N SER B 32 17.26 -2.85 8.27
CA SER B 32 17.82 -3.30 6.97
C SER B 32 18.84 -4.41 7.22
N VAL B 33 18.59 -5.62 6.75
CA VAL B 33 19.46 -6.75 7.10
C VAL B 33 19.94 -7.55 5.91
N THR B 34 21.02 -8.30 6.12
CA THR B 34 21.43 -9.33 5.17
C THR B 34 20.95 -10.68 5.72
N PRO B 35 20.43 -11.59 4.84
CA PRO B 35 20.09 -12.93 5.33
C PRO B 35 21.23 -13.54 6.14
N GLY B 36 20.88 -14.12 7.30
CA GLY B 36 21.88 -14.57 8.28
C GLY B 36 22.04 -13.67 9.49
N ASP B 37 21.77 -12.37 9.36
CA ASP B 37 21.81 -11.41 10.49
C ASP B 37 20.76 -11.79 11.55
N SER B 38 21.03 -11.42 12.80
CA SER B 38 20.05 -11.50 13.90
C SER B 38 19.49 -10.14 14.22
N VAL B 39 18.18 -10.07 14.48
CA VAL B 39 17.55 -8.81 14.83
C VAL B 39 16.68 -8.91 16.08
N SER B 40 16.36 -7.73 16.63
CA SER B 40 15.50 -7.56 17.82
C SER B 40 14.58 -6.39 17.53
N LEU B 41 13.30 -6.61 17.75
CA LEU B 41 12.29 -5.60 17.46
C LEU B 41 11.65 -5.27 18.78
N SER B 42 11.46 -3.98 19.04
CA SER B 42 10.97 -3.51 20.33
C SER B 42 9.52 -3.09 20.27
N CYS B 43 8.75 -3.46 21.29
CA CYS B 43 7.41 -2.93 21.50
C CYS B 43 7.31 -2.45 22.96
N ARG B 44 6.95 -1.20 23.16
CA ARG B 44 6.74 -0.71 24.53
C ARG B 44 5.34 -0.22 24.73
N ALA B 45 4.73 -0.61 25.84
CA ALA B 45 3.35 -0.26 26.17
C ALA B 45 3.25 0.94 27.12
N SER B 46 2.19 1.74 26.98
CA SER B 46 1.94 2.93 27.82
C SER B 46 1.50 2.60 29.24
N GLN B 47 1.08 1.37 29.47
CA GLN B 47 0.86 0.90 30.82
C GLN B 47 1.15 -0.58 30.86
N ARG B 48 1.15 -1.15 32.06
CA ARG B 48 1.37 -2.57 32.27
C ARG B 48 0.29 -3.36 31.54
N ILE B 49 0.74 -4.29 30.72
CA ILE B 49 -0.17 -5.20 30.05
C ILE B 49 0.17 -6.66 30.36
N SER B 50 1.02 -6.88 31.36
CA SER B 50 1.27 -8.25 31.81
C SER B 50 1.98 -9.05 30.70
N ASN B 51 1.41 -10.20 30.32
CA ASN B 51 1.91 -11.00 29.22
C ASN B 51 1.02 -10.91 27.97
N ASN B 52 0.03 -10.00 27.95
CA ASN B 52 -1.00 -9.93 26.89
C ASN B 52 -0.55 -9.18 25.61
N LEU B 53 0.53 -9.66 25.00
CA LEU B 53 1.15 -8.99 23.87
C LEU B 53 1.45 -10.04 22.80
N HIS B 54 1.03 -9.75 21.56
CA HIS B 54 1.16 -10.68 20.44
C HIS B 54 1.93 -10.02 19.30
N TRP B 55 2.61 -10.84 18.52
CA TRP B 55 3.37 -10.38 17.37
C TRP B 55 2.79 -10.98 16.10
N TYR B 56 2.68 -10.14 15.07
CA TYR B 56 2.20 -10.51 13.74
C TYR B 56 3.22 -10.17 12.69
N GLN B 57 3.27 -11.01 11.66
CA GLN B 57 4.01 -10.73 10.43
C GLN B 57 3.02 -10.45 9.30
N GLN B 58 3.28 -9.41 8.51
CA GLN B 58 2.44 -9.11 7.36
C GLN B 58 3.30 -8.85 6.13
N LYS B 59 3.13 -9.70 5.13
CA LYS B 59 3.84 -9.56 3.87
C LYS B 59 2.99 -8.75 2.89
N SER B 60 3.62 -8.21 1.85
CA SER B 60 2.91 -7.39 0.87
C SER B 60 1.73 -8.14 0.29
N HIS B 61 0.57 -7.49 0.27
CA HIS B 61 -0.67 -8.03 -0.34
C HIS B 61 -1.21 -9.27 0.38
N GLU B 62 -0.84 -9.44 1.66
CA GLU B 62 -1.34 -10.54 2.47
C GLU B 62 -1.95 -10.03 3.75
N SER B 63 -2.78 -10.86 4.34
CA SER B 63 -3.33 -10.55 5.64
C SER B 63 -2.23 -10.80 6.70
N PRO B 64 -2.40 -10.21 7.90
CA PRO B 64 -1.38 -10.47 8.91
C PRO B 64 -1.41 -11.94 9.34
N ARG B 65 -0.29 -12.42 9.85
CA ARG B 65 -0.15 -13.78 10.35
C ARG B 65 0.33 -13.73 11.79
N LEU B 66 -0.40 -14.41 12.68
CA LEU B 66 -0.01 -14.51 14.08
C LEU B 66 1.28 -15.31 14.23
N LEU B 67 2.30 -14.69 14.83
CA LEU B 67 3.63 -15.29 14.95
C LEU B 67 3.87 -15.84 16.33
N ILE B 68 3.58 -15.00 17.32
CA ILE B 68 3.85 -15.30 18.72
C ILE B 68 2.67 -14.77 19.50
N ARG B 69 2.09 -15.57 20.38
CA ARG B 69 1.06 -15.05 21.30
C ARG B 69 1.47 -15.09 22.76
N TYR B 70 0.84 -14.22 23.53
CA TYR B 70 1.05 -14.11 24.97
C TYR B 70 2.54 -14.00 25.31
N THR B 71 3.18 -13.05 24.63
CA THR B 71 4.59 -12.68 24.80
C THR B 71 5.57 -13.63 24.15
N SER B 72 5.50 -14.90 24.51
CA SER B 72 6.55 -15.86 24.12
C SER B 72 6.08 -17.20 23.56
N GLN B 73 4.78 -17.39 23.39
CA GLN B 73 4.28 -18.70 23.02
C GLN B 73 4.21 -18.76 21.51
N SER B 74 5.13 -19.50 20.90
CA SER B 74 5.29 -19.43 19.44
C SER B 74 4.18 -20.26 18.81
N ILE B 75 3.69 -19.83 17.65
CA ILE B 75 2.56 -20.48 17.01
C ILE B 75 3.06 -21.77 16.32
N SER B 76 2.31 -22.86 16.47
CA SER B 76 2.62 -24.11 15.79
C SER B 76 3.04 -23.94 14.33
N GLY B 77 4.24 -24.40 14.01
CA GLY B 77 4.77 -24.30 12.64
C GLY B 77 5.60 -23.06 12.32
N ILE B 78 5.46 -21.99 13.13
CA ILE B 78 6.33 -20.80 12.97
C ILE B 78 7.77 -21.22 13.21
N PRO B 79 8.70 -20.88 12.27
CA PRO B 79 10.10 -21.34 12.45
C PRO B 79 10.71 -20.97 13.81
N SER B 80 11.61 -21.81 14.30
CA SER B 80 12.10 -21.64 15.66
C SER B 80 13.08 -20.48 15.80
N ARG B 81 13.55 -19.91 14.69
CA ARG B 81 14.35 -18.68 14.74
C ARG B 81 13.59 -17.51 15.38
N PHE B 82 12.26 -17.58 15.41
CA PHE B 82 11.43 -16.51 15.99
C PHE B 82 11.23 -16.76 17.48
N SER B 83 11.53 -15.76 18.31
CA SER B 83 11.11 -15.87 19.73
C SER B 83 10.67 -14.53 20.32
N GLY B 84 9.83 -14.57 21.34
CA GLY B 84 9.34 -13.34 21.97
C GLY B 84 9.71 -13.34 23.44
N SER B 85 9.98 -12.17 24.00
CA SER B 85 10.26 -12.09 25.42
C SER B 85 9.83 -10.73 25.96
N GLY B 86 10.03 -10.51 27.26
CA GLY B 86 9.68 -9.25 27.87
C GLY B 86 8.52 -9.49 28.82
N SER B 87 8.05 -8.42 29.46
CA SER B 87 6.85 -8.41 30.32
C SER B 87 6.58 -6.99 30.78
N GLY B 88 5.41 -6.79 31.37
CA GLY B 88 5.04 -5.49 31.93
C GLY B 88 4.82 -4.48 30.84
N THR B 89 5.84 -3.67 30.56
CA THR B 89 5.70 -2.63 29.55
C THR B 89 6.68 -2.79 28.38
N ASP B 90 7.51 -3.84 28.41
CA ASP B 90 8.69 -3.91 27.54
C ASP B 90 8.78 -5.29 26.91
N PHE B 91 8.65 -5.37 25.58
CA PHE B 91 8.57 -6.64 24.86
C PHE B 91 9.51 -6.63 23.67
N THR B 92 10.01 -7.81 23.32
CA THR B 92 10.99 -7.95 22.25
C THR B 92 10.62 -9.14 21.38
N LEU B 93 10.64 -8.95 20.06
CA LEU B 93 10.62 -10.05 19.13
C LEU B 93 12.05 -10.24 18.64
N SER B 94 12.57 -11.47 18.73
CA SER B 94 13.89 -11.79 18.19
C SER B 94 13.78 -12.68 16.98
N ILE B 95 14.62 -12.43 15.97
CA ILE B 95 14.73 -13.35 14.84
C ILE B 95 16.18 -13.73 14.75
N ASN B 96 16.45 -15.00 14.98
CA ASN B 96 17.79 -15.49 15.12
C ASN B 96 18.72 -15.33 13.94
N SER B 97 18.30 -15.79 12.77
CA SER B 97 19.12 -15.56 11.60
C SER B 97 18.14 -15.48 10.48
N VAL B 98 17.92 -14.23 10.08
CA VAL B 98 16.89 -13.86 9.15
C VAL B 98 17.04 -14.57 7.79
N GLU B 99 15.92 -15.07 7.30
CA GLU B 99 15.83 -15.63 5.97
C GLU B 99 15.10 -14.64 5.08
N THR B 100 15.26 -14.77 3.76
CA THR B 100 14.64 -13.80 2.86
C THR B 100 13.14 -13.81 2.97
N GLU B 101 12.54 -14.97 3.25
CA GLU B 101 11.09 -15.00 3.46
C GLU B 101 10.60 -14.21 4.70
N ASP B 102 11.53 -13.73 5.53
CA ASP B 102 11.14 -12.98 6.74
C ASP B 102 10.92 -11.50 6.48
N PHE B 103 11.28 -11.03 5.30
CA PHE B 103 11.10 -9.60 4.97
C PHE B 103 9.61 -9.26 4.89
N GLY B 104 9.26 -8.14 5.50
CA GLY B 104 7.89 -7.66 5.56
C GLY B 104 7.71 -6.84 6.83
N MET B 105 6.46 -6.71 7.26
CA MET B 105 6.11 -5.81 8.35
C MET B 105 5.82 -6.63 9.57
N TYR B 106 6.22 -6.12 10.75
CA TYR B 106 5.96 -6.82 12.01
C TYR B 106 5.19 -5.88 12.91
N PHE B 107 4.07 -6.34 13.46
CA PHE B 107 3.24 -5.54 14.36
C PHE B 107 3.11 -6.27 15.69
N CYS B 108 3.13 -5.51 16.77
CA CYS B 108 2.74 -6.02 18.08
C CYS B 108 1.31 -5.60 18.31
N GLN B 109 0.60 -6.32 19.20
CA GLN B 109 -0.79 -6.00 19.54
C GLN B 109 -0.99 -6.37 21.02
N GLN B 110 -1.65 -5.50 21.76
CA GLN B 110 -2.03 -5.83 23.15
C GLN B 110 -3.50 -6.25 23.20
N SER B 111 -3.78 -7.28 23.99
CA SER B 111 -5.14 -7.69 24.27
C SER B 111 -5.40 -7.60 25.77
N ASN B 112 -4.64 -6.74 26.46
CA ASN B 112 -4.88 -6.51 27.90
C ASN B 112 -6.19 -5.77 28.14
N SER B 113 -6.44 -4.73 27.36
CA SER B 113 -7.66 -3.94 27.53
C SER B 113 -8.28 -3.63 26.20
N TRP B 114 -9.60 -3.64 26.17
CA TRP B 114 -10.35 -3.26 24.98
CA TRP B 114 -10.35 -3.27 24.99
C TRP B 114 -10.43 -1.72 24.87
N PRO B 115 -10.22 -1.14 23.67
CA PRO B 115 -9.92 -1.78 22.38
C PRO B 115 -8.48 -2.27 22.27
N PHE B 116 -8.33 -3.45 21.71
CA PHE B 116 -7.04 -4.03 21.42
C PHE B 116 -6.40 -3.09 20.42
N THR B 117 -5.13 -2.78 20.66
CA THR B 117 -4.40 -1.85 19.81
C THR B 117 -3.14 -2.51 19.27
N PHE B 118 -2.70 -2.03 18.12
CA PHE B 118 -1.49 -2.47 17.42
C PHE B 118 -0.40 -1.38 17.46
N GLY B 119 0.88 -1.78 17.46
CA GLY B 119 1.94 -0.81 17.27
C GLY B 119 1.99 -0.32 15.82
N SER B 120 2.82 0.66 15.54
CA SER B 120 2.89 1.24 14.21
C SER B 120 3.70 0.40 13.22
N GLY B 121 4.32 -0.67 13.70
CA GLY B 121 4.97 -1.62 12.80
C GLY B 121 6.47 -1.39 12.64
N THR B 122 7.21 -2.48 12.48
CA THR B 122 8.63 -2.41 12.07
C THR B 122 8.73 -3.13 10.74
N LYS B 123 9.32 -2.46 9.75
CA LYS B 123 9.55 -3.06 8.44
C LYS B 123 10.93 -3.72 8.44
N LEU B 124 11.01 -4.98 8.07
CA LEU B 124 12.28 -5.65 7.91
C LEU B 124 12.51 -5.77 6.40
N GLU B 125 13.59 -5.16 5.93
CA GLU B 125 13.93 -5.07 4.50
C GLU B 125 15.36 -5.55 4.25
N MET B 126 15.65 -5.82 2.97
CA MET B 126 16.95 -6.33 2.55
C MET B 126 17.93 -5.18 2.43
N LYS B 127 19.10 -5.36 3.04
CA LYS B 127 20.18 -4.39 2.95
C LYS B 127 20.89 -4.51 1.60
N ARG B 128 21.33 -3.39 1.03
CA ARG B 128 22.14 -3.37 -0.21
C ARG B 128 22.97 -2.09 -0.20
N ALA B 129 23.80 -1.86 -1.21
CA ALA B 129 24.60 -0.64 -1.28
C ALA B 129 23.72 0.57 -1.51
N ASP B 130 24.03 1.69 -0.88
CA ASP B 130 23.31 2.95 -1.17
C ASP B 130 23.37 3.28 -2.66
N ALA B 131 22.25 3.72 -3.23
CA ALA B 131 22.21 4.02 -4.66
C ALA B 131 21.40 5.29 -4.83
N ALA B 132 21.97 6.26 -5.55
CA ALA B 132 21.24 7.48 -5.92
C ALA B 132 20.11 7.18 -6.91
N PRO B 133 19.02 7.94 -6.86
CA PRO B 133 17.97 7.70 -7.85
C PRO B 133 18.35 8.15 -9.26
N THR B 134 17.92 7.40 -10.26
CA THR B 134 17.90 7.90 -11.65
C THR B 134 16.62 8.69 -11.83
N VAL B 135 16.76 9.99 -12.09
CA VAL B 135 15.63 10.92 -12.12
C VAL B 135 15.35 11.33 -13.56
N SER B 136 14.07 11.31 -13.95
CA SER B 136 13.67 11.67 -15.31
C SER B 136 12.39 12.47 -15.24
N ILE B 137 12.37 13.60 -15.94
CA ILE B 137 11.19 14.50 -15.96
C ILE B 137 10.53 14.44 -17.35
N PHE B 138 9.20 14.48 -17.37
CA PHE B 138 8.41 14.37 -18.58
C PHE B 138 7.37 15.49 -18.63
N PRO B 139 7.52 16.42 -19.60
CA PRO B 139 6.45 17.41 -19.78
C PRO B 139 5.13 16.73 -20.18
N PRO B 140 3.99 17.45 -20.07
CA PRO B 140 2.73 16.89 -20.52
C PRO B 140 2.83 16.49 -21.97
N SER B 141 2.15 15.40 -22.34
CA SER B 141 2.18 14.96 -23.71
C SER B 141 1.27 15.85 -24.51
N SER B 142 1.53 15.93 -25.79
CA SER B 142 0.69 16.73 -26.66
C SER B 142 -0.73 16.19 -26.63
N GLU B 143 -0.88 14.86 -26.57
CA GLU B 143 -2.19 14.26 -26.38
C GLU B 143 -2.92 14.91 -25.21
N GLN B 144 -2.33 14.91 -24.01
CA GLN B 144 -3.00 15.53 -22.84
C GLN B 144 -3.28 17.02 -23.03
N LEU B 145 -2.34 17.70 -23.69
CA LEU B 145 -2.50 19.12 -23.91
C LEU B 145 -3.64 19.51 -24.88
N THR B 146 -4.15 18.56 -25.69
CA THR B 146 -5.41 18.80 -26.39
C THR B 146 -6.60 18.85 -25.42
N SER B 147 -6.42 18.33 -24.20
CA SER B 147 -7.43 18.36 -23.13
C SER B 147 -7.27 19.62 -22.29
N GLY B 148 -8.00 19.71 -21.19
CA GLY B 148 -7.93 20.88 -20.33
C GLY B 148 -6.97 20.69 -19.17
N GLY B 149 -6.24 19.59 -19.20
CA GLY B 149 -5.36 19.21 -18.09
C GLY B 149 -3.92 19.11 -18.54
N ALA B 150 -3.00 19.22 -17.58
CA ALA B 150 -1.57 19.09 -17.87
C ALA B 150 -0.89 18.46 -16.66
N SER B 151 -0.25 17.32 -16.89
CA SER B 151 0.50 16.64 -15.85
C SER B 151 1.98 16.61 -16.23
N VAL B 152 2.84 16.88 -15.25
CA VAL B 152 4.27 16.72 -15.41
C VAL B 152 4.66 15.53 -14.54
N VAL B 153 5.44 14.61 -15.10
CA VAL B 153 5.78 13.36 -14.41
C VAL B 153 7.26 13.34 -14.13
N CYS B 154 7.61 12.91 -12.92
CA CYS B 154 8.99 12.68 -12.57
C CYS B 154 9.14 11.24 -12.03
N PHE B 155 10.02 10.44 -12.65
CA PHE B 155 10.33 9.10 -12.16
C PHE B 155 11.65 9.17 -11.39
N LEU B 156 11.69 8.54 -10.23
CA LEU B 156 12.89 8.49 -9.41
C LEU B 156 13.19 7.04 -9.19
N ASN B 157 14.10 6.48 -9.99
CA ASN B 157 14.20 5.04 -10.10
C ASN B 157 15.44 4.43 -9.50
N ASN B 158 15.26 3.23 -8.91
CA ASN B 158 16.33 2.35 -8.44
C ASN B 158 17.26 2.98 -7.42
N PHE B 159 16.67 3.51 -6.35
CA PHE B 159 17.47 4.07 -5.27
C PHE B 159 17.44 3.24 -3.97
N TYR B 160 18.41 3.50 -3.10
CA TYR B 160 18.45 2.82 -1.82
C TYR B 160 19.24 3.70 -0.87
N PRO B 161 18.77 3.93 0.37
CA PRO B 161 17.55 3.37 0.99
C PRO B 161 16.28 4.12 0.56
N LYS B 162 15.12 3.71 1.09
CA LYS B 162 13.83 4.20 0.62
C LYS B 162 13.59 5.67 0.91
N ASP B 163 14.15 6.18 2.01
CA ASP B 163 13.96 7.58 2.42
C ASP B 163 14.40 8.59 1.34
N ILE B 164 13.48 9.44 0.91
CA ILE B 164 13.74 10.38 -0.18
C ILE B 164 12.75 11.54 -0.11
N ASN B 165 13.21 12.73 -0.46
CA ASN B 165 12.39 13.95 -0.51
C ASN B 165 12.34 14.47 -1.94
N VAL B 166 11.12 14.58 -2.48
CA VAL B 166 10.93 15.14 -3.82
C VAL B 166 10.15 16.43 -3.76
N LYS B 167 10.69 17.47 -4.40
CA LYS B 167 10.01 18.78 -4.49
C LYS B 167 9.69 19.09 -5.93
N TRP B 168 8.52 19.65 -6.17
CA TRP B 168 8.22 20.27 -7.45
C TRP B 168 8.40 21.79 -7.36
N LYS B 169 9.16 22.37 -8.28
CA LYS B 169 9.22 23.82 -8.37
C LYS B 169 8.68 24.33 -9.71
N ILE B 170 7.87 25.38 -9.65
CA ILE B 170 7.26 25.98 -10.82
C ILE B 170 7.75 27.40 -10.84
N ASP B 171 8.44 27.79 -11.91
CA ASP B 171 9.15 29.07 -11.95
C ASP B 171 9.88 29.36 -10.63
N GLY B 172 10.64 28.36 -10.15
CA GLY B 172 11.39 28.47 -8.90
C GLY B 172 10.66 28.33 -7.57
N SER B 173 9.34 28.40 -7.54
CA SER B 173 8.67 28.26 -6.25
C SER B 173 7.99 26.90 -6.06
N GLU B 174 8.12 26.34 -4.86
CA GLU B 174 7.64 25.00 -4.57
C GLU B 174 6.11 24.91 -4.60
N ARG B 175 5.62 23.86 -5.24
CA ARG B 175 4.20 23.59 -5.26
C ARG B 175 3.97 22.18 -4.72
N GLN B 176 3.04 22.05 -3.77
CA GLN B 176 2.73 20.79 -3.10
C GLN B 176 1.35 20.26 -3.39
N ASN B 177 0.36 21.14 -3.60
CA ASN B 177 -0.98 20.63 -3.91
C ASN B 177 -1.11 20.21 -5.38
N GLY B 178 -1.99 19.25 -5.66
CA GLY B 178 -2.09 18.66 -7.00
C GLY B 178 -0.95 17.70 -7.34
N VAL B 179 -0.24 17.22 -6.31
CA VAL B 179 0.86 16.26 -6.50
C VAL B 179 0.38 14.87 -6.12
N LEU B 180 0.70 13.88 -6.94
CA LEU B 180 0.32 12.50 -6.67
C LEU B 180 1.58 11.65 -6.70
N ASN B 181 1.89 10.99 -5.58
CA ASN B 181 3.13 10.20 -5.43
C ASN B 181 2.81 8.73 -5.28
N SER B 182 3.63 7.88 -5.88
CA SER B 182 3.42 6.44 -5.74
C SER B 182 4.78 5.75 -5.62
N TRP B 183 4.89 4.75 -4.76
CA TRP B 183 6.17 4.08 -4.47
C TRP B 183 6.05 2.59 -4.76
N THR B 184 7.08 1.98 -5.33
CA THR B 184 7.09 0.52 -5.48
C THR B 184 7.51 -0.12 -4.16
N ASP B 185 7.13 -1.39 -3.95
CA ASP B 185 7.73 -2.24 -2.93
C ASP B 185 9.19 -2.44 -3.26
N GLN B 186 10.00 -2.80 -2.27
CA GLN B 186 11.41 -3.09 -2.50
C GLN B 186 11.55 -4.14 -3.58
N ASP B 187 12.39 -3.88 -4.56
CA ASP B 187 12.51 -4.78 -5.72
C ASP B 187 13.06 -6.10 -5.23
N SER B 188 12.42 -7.20 -5.61
CA SER B 188 12.85 -8.49 -5.06
C SER B 188 14.19 -8.94 -5.67
N LYS B 189 14.60 -8.34 -6.79
CA LYS B 189 15.83 -8.79 -7.47
C LYS B 189 17.06 -7.92 -7.19
N ASP B 190 16.87 -6.61 -6.99
CA ASP B 190 18.03 -5.75 -6.75
C ASP B 190 17.94 -4.93 -5.47
N SER B 191 16.83 -5.10 -4.76
CA SER B 191 16.61 -4.50 -3.43
C SER B 191 16.53 -2.98 -3.43
N THR B 192 16.28 -2.38 -4.60
CA THR B 192 16.09 -0.92 -4.67
C THR B 192 14.61 -0.55 -4.54
N TYR B 193 14.38 0.75 -4.39
CA TYR B 193 13.05 1.35 -4.41
C TYR B 193 12.97 2.30 -5.61
N SER B 194 11.75 2.55 -6.06
CA SER B 194 11.44 3.53 -7.11
C SER B 194 10.19 4.32 -6.70
N MET B 195 10.07 5.52 -7.24
CA MET B 195 8.95 6.39 -6.95
C MET B 195 8.59 7.17 -8.22
N SER B 196 7.30 7.43 -8.38
CA SER B 196 6.76 8.26 -9.44
C SER B 196 6.04 9.42 -8.77
N SER B 197 6.28 10.64 -9.24
CA SER B 197 5.57 11.82 -8.74
C SER B 197 4.92 12.52 -9.94
N THR B 198 3.63 12.84 -9.81
CA THR B 198 2.88 13.49 -10.88
C THR B 198 2.28 14.81 -10.37
N LEU B 199 2.68 15.90 -11.00
CA LEU B 199 2.12 17.23 -10.72
C LEU B 199 1.08 17.56 -11.78
N THR B 200 -0.17 17.78 -11.38
CA THR B 200 -1.22 18.12 -12.33
C THR B 200 -1.74 19.56 -12.14
N LEU B 201 -1.82 20.30 -13.25
CA LEU B 201 -2.36 21.66 -13.30
C LEU B 201 -3.46 21.68 -14.34
N THR B 202 -4.27 22.73 -14.37
CA THR B 202 -5.09 22.95 -15.55
C THR B 202 -4.16 23.30 -16.72
N LYS B 203 -4.61 23.05 -17.96
CA LYS B 203 -3.78 23.40 -19.09
C LYS B 203 -3.58 24.89 -19.13
N ASP B 204 -4.62 25.65 -18.76
CA ASP B 204 -4.50 27.10 -18.75
C ASP B 204 -3.42 27.57 -17.79
N GLU B 205 -3.36 27.01 -16.59
CA GLU B 205 -2.28 27.43 -15.70
C GLU B 205 -0.89 27.01 -16.16
N TYR B 206 -0.79 25.79 -16.68
CA TYR B 206 0.47 25.23 -17.16
C TYR B 206 1.09 26.17 -18.18
N GLU B 207 0.25 26.71 -19.06
CA GLU B 207 0.70 27.60 -20.11
C GLU B 207 1.06 29.00 -19.60
N ARG B 208 0.88 29.26 -18.31
CA ARG B 208 1.23 30.55 -17.72
C ARG B 208 2.50 30.48 -16.89
N HIS B 209 3.23 29.36 -16.94
CA HIS B 209 4.56 29.32 -16.32
C HIS B 209 5.56 28.75 -17.29
N ASN B 210 6.85 28.98 -17.07
CA ASN B 210 7.84 28.46 -17.97
C ASN B 210 8.64 27.26 -17.44
N SER B 211 9.15 27.37 -16.23
CA SER B 211 10.12 26.41 -15.71
C SER B 211 9.44 25.39 -14.80
N TYR B 212 9.66 24.11 -15.09
CA TYR B 212 9.11 23.01 -14.27
C TYR B 212 10.28 22.16 -13.85
N THR B 213 10.40 21.94 -12.55
CA THR B 213 11.54 21.22 -11.98
C THR B 213 11.11 20.17 -10.96
N CYS B 214 11.77 19.01 -11.03
CA CYS B 214 11.63 17.94 -10.09
C CYS B 214 12.99 17.87 -9.39
N GLU B 215 12.99 17.95 -8.06
CA GLU B 215 14.22 17.98 -7.23
C GLU B 215 14.20 16.89 -6.19
N ALA B 216 15.19 16.01 -6.20
CA ALA B 216 15.22 14.92 -5.25
C ALA B 216 16.40 15.04 -4.30
N THR B 217 16.10 14.97 -3.00
CA THR B 217 17.16 14.91 -2.01
C THR B 217 17.20 13.50 -1.41
N HIS B 218 18.37 12.88 -1.47
CA HIS B 218 18.54 11.49 -1.00
C HIS B 218 19.88 11.46 -0.28
N LYS B 219 20.05 10.55 0.67
CA LYS B 219 21.26 10.52 1.49
C LYS B 219 22.56 10.33 0.71
N THR B 220 22.45 9.84 -0.53
CA THR B 220 23.63 9.58 -1.35
C THR B 220 24.37 10.83 -1.79
N SER B 221 23.77 12.01 -1.61
CA SER B 221 24.44 13.27 -1.96
C SER B 221 23.92 14.45 -1.16
N THR B 222 24.82 15.38 -0.89
CA THR B 222 24.51 16.56 -0.11
C THR B 222 23.70 17.53 -0.97
N SER B 223 23.94 17.53 -2.28
CA SER B 223 23.13 18.39 -3.15
C SER B 223 21.99 17.63 -3.85
N PRO B 224 20.83 18.28 -4.02
CA PRO B 224 19.71 17.59 -4.68
C PRO B 224 20.01 17.29 -6.14
N ILE B 225 19.41 16.20 -6.64
CA ILE B 225 19.37 15.90 -8.08
C ILE B 225 18.22 16.73 -8.67
N VAL B 226 18.53 17.52 -9.70
CA VAL B 226 17.58 18.47 -10.26
C VAL B 226 17.37 18.14 -11.73
N LYS B 227 16.11 17.96 -12.11
CA LYS B 227 15.75 17.80 -13.51
C LYS B 227 14.69 18.85 -13.84
N SER B 228 14.86 19.52 -14.96
CA SER B 228 14.06 20.69 -15.25
C SER B 228 13.91 20.86 -16.75
N PHE B 229 12.81 21.48 -17.19
CA PHE B 229 12.67 21.91 -18.57
C PHE B 229 11.98 23.27 -18.59
N ASN B 230 12.08 23.97 -19.72
CA ASN B 230 11.27 25.13 -19.95
C ASN B 230 10.24 24.84 -21.00
N ARG B 231 9.00 25.22 -20.69
CA ARG B 231 7.84 25.00 -21.56
C ARG B 231 8.04 25.64 -22.93
N PRO C 3 -14.40 -14.85 27.35
CA PRO C 3 -13.45 -13.79 27.02
C PRO C 3 -12.35 -14.28 26.06
N ILE C 4 -12.05 -13.48 25.04
CA ILE C 4 -11.25 -13.93 23.89
C ILE C 4 -9.83 -14.32 24.32
N THR C 5 -9.37 -15.49 23.88
CA THR C 5 -7.95 -15.84 23.93
C THR C 5 -7.38 -15.80 22.52
N ILE C 6 -6.47 -14.86 22.26
CA ILE C 6 -5.80 -14.77 20.95
C ILE C 6 -5.17 -16.12 20.61
N GLY C 7 -5.42 -16.60 19.39
CA GLY C 7 -4.81 -17.84 18.90
C GLY C 7 -5.53 -19.10 19.35
N SER C 8 -6.56 -18.97 20.19
CA SER C 8 -7.23 -20.15 20.75
C SER C 8 -8.09 -20.90 19.72
N HIS C 9 -8.51 -20.22 18.65
CA HIS C 9 -9.25 -20.92 17.58
C HIS C 9 -8.36 -21.96 16.90
N ALA C 10 -7.21 -21.51 16.43
CA ALA C 10 -6.26 -22.42 15.80
C ALA C 10 -5.52 -23.32 16.81
N HIS C 11 -5.31 -22.85 18.05
CA HIS C 11 -4.31 -23.48 18.95
C HIS C 11 -4.74 -23.75 20.41
N GLY C 12 -6.04 -23.65 20.72
CA GLY C 12 -6.58 -23.93 22.08
C GLY C 12 -6.17 -23.02 23.24
#